data_2HZ7
#
_entry.id   2HZ7
#
_cell.length_a   74.1
_cell.length_b   95.9
_cell.length_c   115.7
_cell.angle_alpha   90.0
_cell.angle_beta   90.0
_cell.angle_gamma   90.0
#
_symmetry.space_group_name_H-M   'P 21 21 21'
#
loop_
_entity.id
_entity.type
_entity.pdbx_description
1 polymer 'Glutaminyl-tRNA synthetase'
2 water water
#
_entity_poly.entity_id   1
_entity_poly.type   'polypeptide(L)'
_entity_poly.pdbx_seq_one_letter_code
;GAFGWEQDRGAPFSGRSPRILTRMTDAPRPTAGADAPARPPAAPLVAPNFITEIIERDLEAGKYPRVVTRFPPDPSGYAH
LGHVFASLLDFNTARQYGGQFNLRMDDTNPELARQEYVDSIADDLKWLGLDWGEHFYYASDYFDRYYAYAEQLIRQGDAY
VESVSPEELSRLRGNATTPGTPSPYRDRSVEENLDLLRRMKAGEFADGEHVLRAKIDLTAPNMKLRDPVLYRIVNKPHFR
TSDEWHIYPAYDFEHPLQDAIEGVTHSMCSLEFVDNRAIYDWLMEKLNFDPRPHQYEFGRRGLEYTITSKRKLRELVQAG
RVSGWDDPRMPTLRAQRRLGVTPEAVRAFAAQIGVSRTNRTVDIAVYENAVRDDLNHRAPRVMAVLDPVKVTLTNLDGEK
TLSLPYWPHDVVRDSPDGLVGMPGGGRVAPEEAVRDVPLTRELYIERDDFSPAPPKGFKRLTPGGTVRLRGAGIIRADDF
GTDEAGQVTHIRATLLGEDAKAAGVIHWVSAERALPAEFRLYDRLFRVPHPEGENADVEDDSAGPAEHEAEPGAGQETAP
VSQGFMRYLTPDSLRVLRGYVEPSVAGDPADTRYQFERQGYFWRDPVELERVDSREDALVFGRIITLKDTWGKQGGGTQQ
KAEGKKRPSTKGRGPDEVRGEGSSSPAKAHAPKAQPLTPEQDAEFTRLLGLGASEGDARTIARDPALLAFVGGAAPGDTF
AQVASWTVNELVAGLRAGEVKVRAADLAPLAEGVASGQLSARIAREALARAAASGDAPLTIIEREGLNAGLSAEALQQVV
AQVIAANPDKAEAYRGGKTALLGFFTGQVMRATAGKADPQALAAALKDALA
;
_entity_poly.pdbx_strand_id   A
#
# COMPACT_ATOMS: atom_id res chain seq x y z
N ALA A 42 -14.01 -22.52 5.66
CA ALA A 42 -13.13 -21.40 5.19
C ALA A 42 -13.96 -20.35 4.44
N ALA A 43 -14.03 -19.14 5.00
CA ALA A 43 -14.80 -18.04 4.39
C ALA A 43 -14.35 -17.75 2.95
N PRO A 44 -15.28 -17.25 2.11
CA PRO A 44 -14.99 -16.94 0.71
C PRO A 44 -13.96 -15.83 0.51
N LEU A 45 -13.04 -16.07 -0.43
CA LEU A 45 -12.00 -15.11 -0.76
C LEU A 45 -12.66 -13.78 -1.17
N VAL A 46 -13.73 -13.85 -1.96
CA VAL A 46 -14.45 -12.67 -2.39
C VAL A 46 -15.94 -12.78 -2.03
N ALA A 47 -16.40 -11.98 -1.07
CA ALA A 47 -17.81 -11.99 -0.68
C ALA A 47 -18.67 -11.66 -1.91
N PRO A 48 -19.88 -12.24 -2.00
CA PRO A 48 -20.77 -12.00 -3.14
C PRO A 48 -20.93 -10.52 -3.49
N ASN A 49 -20.56 -10.14 -4.72
CA ASN A 49 -20.72 -8.74 -5.12
C ASN A 49 -21.30 -8.78 -6.53
N PHE A 50 -21.59 -7.63 -7.11
CA PHE A 50 -22.17 -7.64 -8.44
C PHE A 50 -21.29 -8.30 -9.51
N ILE A 51 -19.97 -8.16 -9.39
CA ILE A 51 -19.05 -8.74 -10.37
C ILE A 51 -19.04 -10.26 -10.19
N THR A 52 -19.00 -10.68 -8.94
CA THR A 52 -18.99 -12.08 -8.58
C THR A 52 -20.22 -12.77 -9.20
N GLU A 53 -21.37 -12.11 -9.10
CA GLU A 53 -22.62 -12.63 -9.64
C GLU A 53 -22.55 -12.67 -11.18
N ILE A 54 -21.94 -11.65 -11.79
CA ILE A 54 -21.82 -11.65 -13.24
C ILE A 54 -21.02 -12.88 -13.70
N ILE A 55 -19.96 -13.19 -12.97
CA ILE A 55 -19.12 -14.31 -13.31
C ILE A 55 -19.81 -15.65 -13.15
N GLU A 56 -20.47 -15.86 -12.01
CA GLU A 56 -21.17 -17.12 -11.80
C GLU A 56 -22.23 -17.28 -12.87
N ARG A 57 -22.85 -16.17 -13.26
CA ARG A 57 -23.86 -16.21 -14.30
C ARG A 57 -23.26 -16.64 -15.65
N ASP A 58 -22.05 -16.16 -15.95
CA ASP A 58 -21.36 -16.49 -17.20
C ASP A 58 -20.82 -17.93 -17.21
N LEU A 59 -20.31 -18.39 -16.07
CA LEU A 59 -19.81 -19.74 -16.01
C LEU A 59 -20.99 -20.67 -16.19
N GLU A 60 -22.11 -20.31 -15.56
CA GLU A 60 -23.31 -21.11 -15.62
C GLU A 60 -23.77 -21.28 -17.07
N ALA A 61 -23.79 -20.19 -17.82
CA ALA A 61 -24.21 -20.27 -19.21
C ALA A 61 -23.07 -20.71 -20.18
N GLY A 62 -21.90 -21.06 -19.66
CA GLY A 62 -20.81 -21.46 -20.52
C GLY A 62 -20.28 -20.38 -21.47
N LYS A 63 -20.44 -19.11 -21.10
CA LYS A 63 -19.98 -17.99 -21.94
C LYS A 63 -18.47 -18.00 -22.18
N TYR A 64 -17.71 -18.48 -21.19
CA TYR A 64 -16.25 -18.59 -21.33
C TYR A 64 -15.84 -19.86 -20.60
N PRO A 65 -14.76 -20.50 -21.06
CA PRO A 65 -14.28 -21.72 -20.41
C PRO A 65 -13.62 -21.43 -19.05
N ARG A 66 -12.79 -20.38 -19.01
CA ARG A 66 -12.09 -19.95 -17.78
C ARG A 66 -12.28 -18.44 -17.59
N VAL A 67 -12.11 -17.99 -16.37
CA VAL A 67 -12.21 -16.56 -16.10
C VAL A 67 -10.79 -16.00 -16.21
N VAL A 68 -10.62 -14.87 -16.89
CA VAL A 68 -9.31 -14.21 -17.02
C VAL A 68 -9.43 -12.76 -16.61
N THR A 69 -8.68 -12.37 -15.61
CA THR A 69 -8.72 -10.99 -15.17
C THR A 69 -7.37 -10.39 -15.26
N ARG A 70 -7.31 -9.14 -14.93
CA ARG A 70 -6.06 -8.49 -15.00
C ARG A 70 -6.08 -7.19 -14.17
N PHE A 71 -4.89 -6.84 -13.66
CA PHE A 71 -4.57 -5.55 -12.99
C PHE A 71 -3.55 -4.87 -13.94
N PRO A 72 -3.89 -3.71 -14.52
CA PRO A 72 -3.02 -3.05 -15.50
C PRO A 72 -2.48 -1.72 -15.03
N PRO A 73 -1.58 -1.72 -14.04
CA PRO A 73 -1.13 -0.39 -13.66
C PRO A 73 -0.21 0.26 -14.68
N ASP A 74 -0.17 1.58 -14.59
CA ASP A 74 0.67 2.44 -15.40
C ASP A 74 1.99 2.58 -14.59
N PRO A 75 3.13 2.15 -15.16
CA PRO A 75 4.41 2.28 -14.44
C PRO A 75 4.94 3.71 -14.41
N SER A 76 4.16 4.59 -13.79
CA SER A 76 4.45 6.01 -13.68
C SER A 76 4.72 6.47 -12.25
N GLY A 77 4.75 5.52 -11.33
CA GLY A 77 5.00 5.85 -9.94
C GLY A 77 4.96 4.56 -9.14
N TYR A 78 5.30 4.66 -7.86
CA TYR A 78 5.30 3.49 -7.01
C TYR A 78 3.89 3.01 -6.66
N ALA A 79 3.75 1.70 -6.48
CA ALA A 79 2.47 1.14 -6.09
C ALA A 79 2.17 1.71 -4.71
N HIS A 80 0.91 1.98 -4.41
CA HIS A 80 0.57 2.51 -3.09
C HIS A 80 -0.72 1.94 -2.54
N LEU A 81 -1.08 2.31 -1.32
CA LEU A 81 -2.28 1.77 -0.69
C LEU A 81 -3.54 1.87 -1.54
N GLY A 82 -3.59 2.87 -2.42
CA GLY A 82 -4.73 3.08 -3.28
C GLY A 82 -4.89 2.04 -4.38
N HIS A 83 -3.85 1.24 -4.62
CA HIS A 83 -3.89 0.19 -5.66
C HIS A 83 -4.27 -1.17 -5.09
N VAL A 84 -4.23 -1.29 -3.77
CA VAL A 84 -4.51 -2.55 -3.10
C VAL A 84 -5.90 -3.15 -3.39
N PHE A 85 -6.93 -2.33 -3.21
CA PHE A 85 -8.30 -2.76 -3.43
C PHE A 85 -8.54 -3.37 -4.80
N ALA A 86 -8.26 -2.60 -5.86
CA ALA A 86 -8.47 -3.08 -7.22
C ALA A 86 -7.61 -4.29 -7.58
N SER A 87 -6.30 -4.21 -7.30
CA SER A 87 -5.43 -5.32 -7.64
C SER A 87 -5.85 -6.61 -6.94
N LEU A 88 -6.13 -6.54 -5.65
CA LEU A 88 -6.56 -7.74 -4.94
C LEU A 88 -7.93 -8.20 -5.44
N LEU A 89 -8.81 -7.27 -5.80
CA LEU A 89 -10.12 -7.69 -6.31
C LEU A 89 -9.92 -8.52 -7.59
N ASP A 90 -9.08 -8.03 -8.50
CA ASP A 90 -8.79 -8.75 -9.75
C ASP A 90 -8.14 -10.11 -9.48
N PHE A 91 -7.14 -10.14 -8.61
CA PHE A 91 -6.44 -11.38 -8.29
C PHE A 91 -7.34 -12.39 -7.55
N ASN A 92 -7.92 -11.99 -6.42
CA ASN A 92 -8.80 -12.87 -5.68
C ASN A 92 -9.99 -13.37 -6.51
N THR A 93 -10.47 -12.58 -7.46
CA THR A 93 -11.61 -13.02 -8.26
C THR A 93 -11.17 -14.16 -9.17
N ALA A 94 -10.02 -14.01 -9.81
CA ALA A 94 -9.48 -15.05 -10.68
C ALA A 94 -9.28 -16.30 -9.85
N ARG A 95 -8.65 -16.12 -8.69
CA ARG A 95 -8.37 -17.23 -7.78
C ARG A 95 -9.66 -17.93 -7.33
N GLN A 96 -10.64 -17.17 -6.84
CA GLN A 96 -11.88 -17.76 -6.38
C GLN A 96 -12.53 -18.67 -7.41
N TYR A 97 -12.43 -18.29 -8.71
CA TYR A 97 -13.05 -19.08 -9.76
C TYR A 97 -12.06 -19.89 -10.59
N GLY A 98 -10.89 -20.16 -10.02
CA GLY A 98 -9.88 -20.94 -10.71
C GLY A 98 -9.50 -20.41 -12.07
N GLY A 99 -9.48 -19.09 -12.19
CA GLY A 99 -9.13 -18.46 -13.45
C GLY A 99 -7.66 -18.08 -13.54
N GLN A 100 -7.37 -17.18 -14.46
CA GLN A 100 -6.02 -16.72 -14.67
C GLN A 100 -5.95 -15.25 -14.32
N PHE A 101 -4.90 -14.83 -13.61
CA PHE A 101 -4.74 -13.41 -13.30
C PHE A 101 -3.52 -12.87 -14.05
N ASN A 102 -3.69 -11.78 -14.80
CA ASN A 102 -2.58 -11.18 -15.54
C ASN A 102 -2.11 -9.87 -14.88
N LEU A 103 -0.80 -9.66 -14.81
CA LEU A 103 -0.25 -8.39 -14.29
C LEU A 103 0.29 -7.71 -15.54
N ARG A 104 -0.24 -6.53 -15.83
CA ARG A 104 0.15 -5.80 -17.03
C ARG A 104 0.70 -4.40 -16.75
N MET A 105 1.83 -4.10 -17.38
CA MET A 105 2.40 -2.78 -17.24
C MET A 105 1.82 -2.04 -18.43
N ASP A 106 0.99 -1.04 -18.15
CA ASP A 106 0.43 -0.27 -19.23
C ASP A 106 1.42 0.84 -19.50
N ASP A 107 2.49 0.50 -20.22
CA ASP A 107 3.53 1.47 -20.51
C ASP A 107 3.39 2.11 -21.89
N THR A 108 2.17 2.39 -22.29
CA THR A 108 1.93 2.99 -23.59
C THR A 108 2.25 4.48 -23.70
N ASN A 109 2.46 5.17 -22.57
CA ASN A 109 2.79 6.60 -22.61
C ASN A 109 4.31 6.74 -22.41
N PRO A 110 5.06 7.04 -23.50
CA PRO A 110 6.52 7.19 -23.48
C PRO A 110 7.14 8.18 -22.50
N GLU A 111 6.43 9.25 -22.19
CA GLU A 111 6.94 10.25 -21.26
C GLU A 111 6.76 9.91 -19.78
N LEU A 112 5.93 8.92 -19.47
CA LEU A 112 5.70 8.54 -18.06
C LEU A 112 6.30 7.21 -17.63
N ALA A 113 6.29 6.22 -18.51
CA ALA A 113 6.82 4.90 -18.17
C ALA A 113 8.31 4.90 -17.81
N ARG A 114 8.64 4.28 -16.68
CA ARG A 114 10.01 4.18 -16.18
C ARG A 114 10.31 2.80 -15.69
N GLN A 115 11.52 2.34 -15.99
CA GLN A 115 11.94 1.03 -15.54
C GLN A 115 11.83 0.93 -14.01
N GLU A 116 12.15 1.99 -13.29
CA GLU A 116 12.11 1.91 -11.83
C GLU A 116 10.73 1.61 -11.27
N TYR A 117 9.66 2.05 -11.92
CA TYR A 117 8.31 1.77 -11.43
C TYR A 117 7.92 0.36 -11.82
N VAL A 118 8.35 -0.11 -12.99
CA VAL A 118 8.04 -1.48 -13.37
C VAL A 118 8.67 -2.38 -12.31
N ASP A 119 9.95 -2.17 -12.00
CA ASP A 119 10.66 -2.98 -11.02
C ASP A 119 10.00 -3.00 -9.64
N SER A 120 9.65 -1.82 -9.14
CA SER A 120 9.03 -1.71 -7.82
C SER A 120 7.62 -2.29 -7.78
N ILE A 121 6.84 -2.05 -8.81
CA ILE A 121 5.48 -2.56 -8.85
C ILE A 121 5.44 -4.09 -8.86
N ALA A 122 6.26 -4.72 -9.70
CA ALA A 122 6.29 -6.18 -9.75
C ALA A 122 6.72 -6.68 -8.37
N ASP A 123 7.78 -6.09 -7.83
CA ASP A 123 8.26 -6.49 -6.53
C ASP A 123 7.22 -6.28 -5.40
N ASP A 124 6.58 -5.12 -5.37
CA ASP A 124 5.59 -4.83 -4.34
C ASP A 124 4.34 -5.71 -4.41
N LEU A 125 3.83 -5.93 -5.62
CA LEU A 125 2.64 -6.74 -5.78
C LEU A 125 2.93 -8.19 -5.43
N LYS A 126 4.14 -8.65 -5.72
CA LYS A 126 4.48 -10.01 -5.34
C LYS A 126 4.47 -10.06 -3.81
N TRP A 127 5.09 -9.07 -3.18
CA TRP A 127 5.12 -8.99 -1.72
C TRP A 127 3.69 -9.04 -1.16
N LEU A 128 2.77 -8.34 -1.80
CA LEU A 128 1.38 -8.30 -1.33
C LEU A 128 0.72 -9.68 -1.40
N GLY A 129 1.23 -10.54 -2.28
CA GLY A 129 0.67 -11.87 -2.39
C GLY A 129 0.02 -12.17 -3.74
N LEU A 130 0.07 -11.22 -4.68
CA LEU A 130 -0.52 -11.50 -5.99
C LEU A 130 0.34 -12.54 -6.66
N ASP A 131 -0.29 -13.33 -7.51
CA ASP A 131 0.40 -14.39 -8.23
C ASP A 131 -0.15 -14.41 -9.65
N TRP A 132 0.71 -14.03 -10.59
CA TRP A 132 0.37 -13.99 -12.01
C TRP A 132 1.15 -15.05 -12.77
N GLY A 133 1.97 -15.80 -12.05
CA GLY A 133 2.74 -16.84 -12.68
C GLY A 133 3.56 -16.33 -13.85
N GLU A 134 3.28 -16.86 -15.03
CA GLU A 134 3.99 -16.50 -16.25
C GLU A 134 3.28 -15.39 -17.04
N HIS A 135 2.12 -14.96 -16.57
CA HIS A 135 1.37 -13.94 -17.28
C HIS A 135 1.67 -12.48 -16.88
N PHE A 136 2.90 -12.05 -17.18
CA PHE A 136 3.35 -10.69 -16.92
C PHE A 136 3.47 -10.04 -18.31
N TYR A 137 2.78 -8.93 -18.52
CA TYR A 137 2.80 -8.30 -19.82
C TYR A 137 3.20 -6.85 -19.84
N TYR A 138 3.85 -6.49 -20.94
CA TYR A 138 4.25 -5.11 -21.19
C TYR A 138 3.40 -4.73 -22.38
N ALA A 139 2.56 -3.72 -22.23
CA ALA A 139 1.73 -3.30 -23.35
C ALA A 139 2.61 -2.90 -24.54
N SER A 140 3.76 -2.31 -24.26
CA SER A 140 4.64 -1.88 -25.34
C SER A 140 5.08 -3.07 -26.22
N ASP A 141 5.10 -4.28 -25.65
CA ASP A 141 5.49 -5.44 -26.42
C ASP A 141 4.50 -5.72 -27.54
N TYR A 142 3.36 -5.04 -27.51
CA TYR A 142 2.33 -5.23 -28.52
C TYR A 142 2.05 -4.04 -29.43
N PHE A 143 2.96 -3.07 -29.46
CA PHE A 143 2.77 -1.90 -30.32
C PHE A 143 2.46 -2.34 -31.76
N ASP A 144 3.14 -3.40 -32.22
CA ASP A 144 2.93 -3.93 -33.57
C ASP A 144 1.51 -4.45 -33.76
N ARG A 145 1.01 -5.16 -32.77
CA ARG A 145 -0.34 -5.69 -32.84
C ARG A 145 -1.38 -4.55 -32.92
N TYR A 146 -1.22 -3.47 -32.15
CA TYR A 146 -2.17 -2.35 -32.17
C TYR A 146 -2.16 -1.69 -33.54
N TYR A 147 -0.95 -1.55 -34.08
CA TYR A 147 -0.77 -0.92 -35.37
C TYR A 147 -1.52 -1.70 -36.46
N ALA A 148 -1.38 -3.02 -36.45
CA ALA A 148 -2.06 -3.85 -37.44
C ALA A 148 -3.57 -3.74 -37.28
N TYR A 149 -4.06 -3.57 -36.05
CA TYR A 149 -5.49 -3.45 -35.84
C TYR A 149 -5.95 -2.12 -36.36
N ALA A 150 -5.09 -1.13 -36.20
CA ALA A 150 -5.38 0.22 -36.68
C ALA A 150 -5.49 0.18 -38.21
N GLU A 151 -4.61 -0.59 -38.85
CA GLU A 151 -4.63 -0.70 -40.31
C GLU A 151 -5.92 -1.40 -40.74
N GLN A 152 -6.31 -2.42 -39.99
CA GLN A 152 -7.53 -3.14 -40.31
C GLN A 152 -8.70 -2.15 -40.20
N LEU A 153 -8.74 -1.38 -39.11
CA LEU A 153 -9.82 -0.41 -38.94
C LEU A 153 -9.81 0.55 -40.13
N ILE A 154 -8.63 1.00 -40.53
CA ILE A 154 -8.54 1.91 -41.68
C ILE A 154 -9.14 1.25 -42.94
N ARG A 155 -8.71 0.03 -43.24
CA ARG A 155 -9.19 -0.68 -44.42
C ARG A 155 -10.69 -0.91 -44.42
N GLN A 156 -11.30 -0.98 -43.24
CA GLN A 156 -12.74 -1.21 -43.13
C GLN A 156 -13.46 0.13 -43.20
N GLY A 157 -12.70 1.21 -43.30
CA GLY A 157 -13.32 2.52 -43.34
C GLY A 157 -13.86 2.88 -41.97
N ASP A 158 -13.24 2.32 -40.93
CA ASP A 158 -13.66 2.59 -39.57
C ASP A 158 -12.70 3.49 -38.80
N ALA A 159 -11.68 3.98 -39.49
CA ALA A 159 -10.69 4.87 -38.89
C ALA A 159 -10.04 5.75 -39.95
N TYR A 160 -9.71 6.99 -39.58
CA TYR A 160 -9.09 7.93 -40.50
C TYR A 160 -8.04 8.82 -39.85
N VAL A 161 -7.14 9.37 -40.67
CA VAL A 161 -6.11 10.27 -40.20
C VAL A 161 -6.66 11.69 -40.27
N GLU A 162 -6.73 12.32 -39.11
CA GLU A 162 -7.24 13.66 -38.96
C GLU A 162 -6.02 14.58 -39.07
N SER A 163 -6.13 15.67 -39.82
CA SER A 163 -5.00 16.58 -39.96
C SER A 163 -5.33 18.02 -39.62
N VAL A 164 -6.50 18.22 -39.06
CA VAL A 164 -6.95 19.54 -38.67
C VAL A 164 -6.21 19.96 -37.40
N SER A 165 -6.20 21.26 -37.10
CA SER A 165 -5.54 21.74 -35.89
C SER A 165 -6.21 21.14 -34.65
N PRO A 166 -5.44 20.95 -33.56
CA PRO A 166 -6.00 20.39 -32.32
C PRO A 166 -7.16 21.23 -31.78
N GLU A 167 -7.06 22.54 -31.97
CA GLU A 167 -8.10 23.45 -31.52
C GLU A 167 -9.33 23.29 -32.41
N GLU A 168 -9.08 23.02 -33.68
CA GLU A 168 -10.15 22.79 -34.63
C GLU A 168 -10.86 21.48 -34.31
N LEU A 169 -10.08 20.44 -34.03
CA LEU A 169 -10.66 19.15 -33.71
C LEU A 169 -11.68 19.29 -32.59
N SER A 170 -11.34 20.06 -31.55
CA SER A 170 -12.27 20.23 -30.44
C SER A 170 -13.47 21.08 -30.86
N ARG A 171 -13.23 22.07 -31.72
CA ARG A 171 -14.32 22.94 -32.17
C ARG A 171 -15.33 22.15 -33.03
N LEU A 172 -14.80 21.34 -33.94
CA LEU A 172 -15.64 20.55 -34.83
C LEU A 172 -16.36 19.43 -34.08
N ARG A 173 -15.75 18.94 -33.01
CA ARG A 173 -16.31 17.87 -32.19
C ARG A 173 -17.69 18.22 -31.65
N GLY A 174 -17.88 19.48 -31.28
CA GLY A 174 -19.16 19.90 -30.77
C GLY A 174 -19.37 19.68 -29.28
N ASN A 175 -20.63 19.73 -28.87
CA ASN A 175 -21.03 19.59 -27.48
C ASN A 175 -22.29 18.74 -27.46
N ALA A 176 -22.86 18.60 -26.27
CA ALA A 176 -24.09 17.84 -26.11
C ALA A 176 -25.25 18.68 -26.62
N THR A 177 -24.97 19.93 -27.01
CA THR A 177 -26.02 20.79 -27.53
C THR A 177 -25.73 21.24 -28.95
N THR A 178 -24.60 20.82 -29.48
CA THR A 178 -24.23 21.17 -30.85
C THR A 178 -23.44 20.01 -31.44
N PRO A 179 -24.11 19.21 -32.29
CA PRO A 179 -23.49 18.04 -32.93
C PRO A 179 -22.22 18.34 -33.69
N GLY A 180 -21.32 17.36 -33.71
CA GLY A 180 -20.07 17.54 -34.40
C GLY A 180 -20.20 17.63 -35.90
N THR A 181 -19.15 18.10 -36.55
CA THR A 181 -19.13 18.25 -38.00
C THR A 181 -17.86 17.60 -38.54
N PRO A 182 -17.99 16.81 -39.61
CA PRO A 182 -16.80 16.17 -40.18
C PRO A 182 -15.79 17.21 -40.62
N SER A 183 -14.50 16.91 -40.47
CA SER A 183 -13.48 17.82 -40.93
C SER A 183 -13.33 17.45 -42.40
N PRO A 184 -12.49 18.18 -43.14
CA PRO A 184 -12.35 17.80 -44.55
C PRO A 184 -11.55 16.53 -44.78
N TYR A 185 -11.07 15.90 -43.70
CA TYR A 185 -10.28 14.70 -43.84
C TYR A 185 -10.96 13.40 -43.44
N ARG A 186 -12.17 13.50 -42.88
CA ARG A 186 -12.88 12.31 -42.45
C ARG A 186 -13.10 11.28 -43.55
N ASP A 187 -13.31 11.77 -44.77
CA ASP A 187 -13.55 10.89 -45.91
C ASP A 187 -12.33 10.52 -46.74
N ARG A 188 -11.14 10.57 -46.15
CA ARG A 188 -9.95 10.19 -46.90
C ARG A 188 -10.04 8.71 -47.26
N SER A 189 -9.38 8.34 -48.35
CA SER A 189 -9.38 6.98 -48.84
C SER A 189 -8.51 6.09 -47.96
N VAL A 190 -8.74 4.79 -48.07
CA VAL A 190 -7.98 3.80 -47.34
C VAL A 190 -6.50 3.96 -47.63
N GLU A 191 -6.17 4.06 -48.91
CA GLU A 191 -4.80 4.24 -49.36
C GLU A 191 -4.12 5.43 -48.70
N GLU A 192 -4.77 6.59 -48.76
CA GLU A 192 -4.21 7.81 -48.16
C GLU A 192 -4.02 7.69 -46.65
N ASN A 193 -5.02 7.16 -45.95
CA ASN A 193 -4.90 7.00 -44.51
C ASN A 193 -3.80 6.01 -44.13
N LEU A 194 -3.69 4.93 -44.89
CA LEU A 194 -2.64 3.95 -44.61
C LEU A 194 -1.26 4.57 -44.79
N ASP A 195 -1.10 5.36 -45.84
CA ASP A 195 0.19 6.00 -46.12
C ASP A 195 0.57 7.04 -45.05
N LEU A 196 -0.38 7.87 -44.64
CA LEU A 196 -0.09 8.87 -43.63
C LEU A 196 0.22 8.23 -42.27
N LEU A 197 -0.46 7.13 -41.95
CA LEU A 197 -0.22 6.50 -40.65
C LEU A 197 1.19 5.96 -40.59
N ARG A 198 1.64 5.39 -41.71
CA ARG A 198 2.99 4.83 -41.82
C ARG A 198 4.05 5.91 -41.58
N ARG A 199 3.82 7.09 -42.14
CA ARG A 199 4.74 8.21 -42.03
C ARG A 199 4.65 8.86 -40.65
N MET A 200 3.48 8.75 -40.03
CA MET A 200 3.32 9.28 -38.69
C MET A 200 4.19 8.40 -37.79
N LYS A 201 4.11 7.10 -38.01
CA LYS A 201 4.89 6.15 -37.23
C LYS A 201 6.39 6.38 -37.41
N ALA A 202 6.80 6.69 -38.65
CA ALA A 202 8.21 6.93 -38.97
C ALA A 202 8.74 8.24 -38.39
N GLY A 203 7.85 9.08 -37.88
CA GLY A 203 8.27 10.33 -37.27
C GLY A 203 8.44 11.49 -38.22
N GLU A 204 7.89 11.36 -39.42
CA GLU A 204 8.01 12.41 -40.41
C GLU A 204 7.32 13.71 -40.01
N PHE A 205 6.32 13.62 -39.13
CA PHE A 205 5.60 14.82 -38.72
C PHE A 205 5.76 15.17 -37.25
N ALA A 206 5.57 16.46 -36.95
CA ALA A 206 5.71 16.96 -35.59
C ALA A 206 4.52 16.54 -34.72
N ASP A 207 4.71 16.63 -33.40
CA ASP A 207 3.66 16.26 -32.44
C ASP A 207 2.44 17.12 -32.69
N GLY A 208 1.25 16.54 -32.57
CA GLY A 208 0.02 17.27 -32.77
C GLY A 208 -0.36 17.62 -34.19
N GLU A 209 0.52 17.31 -35.14
CA GLU A 209 0.29 17.61 -36.55
C GLU A 209 -0.79 16.72 -37.16
N HIS A 210 -0.84 15.46 -36.72
CA HIS A 210 -1.84 14.49 -37.20
C HIS A 210 -2.22 13.52 -36.08
N VAL A 211 -3.41 12.94 -36.19
CA VAL A 211 -3.90 11.94 -35.24
C VAL A 211 -4.77 10.96 -36.02
N LEU A 212 -4.81 9.72 -35.56
CA LEU A 212 -5.64 8.69 -36.19
C LEU A 212 -6.88 8.66 -35.30
N ARG A 213 -8.07 8.73 -35.91
CA ARG A 213 -9.33 8.72 -35.15
C ARG A 213 -10.28 7.60 -35.58
N ALA A 214 -11.04 7.07 -34.63
CA ALA A 214 -12.01 6.04 -34.95
C ALA A 214 -13.11 6.81 -35.67
N LYS A 215 -13.75 6.17 -36.65
CA LYS A 215 -14.83 6.81 -37.39
C LYS A 215 -16.12 6.27 -36.83
N ILE A 216 -16.72 7.01 -35.91
CA ILE A 216 -17.94 6.55 -35.27
C ILE A 216 -19.13 7.48 -35.51
N ASP A 217 -19.54 8.24 -34.50
CA ASP A 217 -20.69 9.13 -34.66
C ASP A 217 -20.54 10.49 -34.02
N LEU A 218 -20.30 11.51 -34.86
CA LEU A 218 -20.13 12.86 -34.36
C LEU A 218 -21.37 13.52 -33.75
N THR A 219 -22.49 12.80 -33.70
CA THR A 219 -23.72 13.36 -33.12
C THR A 219 -24.17 12.63 -31.85
N ALA A 220 -23.50 11.54 -31.51
CA ALA A 220 -23.87 10.77 -30.32
C ALA A 220 -23.89 11.64 -29.07
N PRO A 221 -24.81 11.37 -28.13
CA PRO A 221 -24.87 12.16 -26.89
C PRO A 221 -23.67 11.87 -25.98
N ASN A 222 -23.07 10.71 -26.16
CA ASN A 222 -21.88 10.35 -25.39
C ASN A 222 -20.68 10.90 -26.16
N MET A 223 -20.05 11.93 -25.63
CA MET A 223 -18.93 12.58 -26.30
C MET A 223 -17.83 11.63 -26.75
N LYS A 224 -17.61 10.57 -25.98
CA LYS A 224 -16.59 9.59 -26.28
C LYS A 224 -16.78 8.87 -27.62
N LEU A 225 -18.02 8.86 -28.13
CA LEU A 225 -18.27 8.19 -29.40
C LEU A 225 -18.07 9.10 -30.61
N ARG A 226 -17.70 10.34 -30.35
CA ARG A 226 -17.51 11.30 -31.42
C ARG A 226 -16.09 11.26 -31.97
N ASP A 227 -15.81 10.20 -32.74
CA ASP A 227 -14.51 10.01 -33.37
C ASP A 227 -13.34 10.17 -32.38
N PRO A 228 -13.25 9.29 -31.37
CA PRO A 228 -12.18 9.36 -30.38
C PRO A 228 -10.80 9.07 -31.01
N VAL A 229 -9.77 9.73 -30.49
CA VAL A 229 -8.41 9.57 -30.98
C VAL A 229 -7.85 8.22 -30.60
N LEU A 230 -7.19 7.56 -31.55
CA LEU A 230 -6.60 6.25 -31.33
C LEU A 230 -5.07 6.32 -31.26
N TYR A 231 -4.46 7.20 -32.04
CA TYR A 231 -3.00 7.37 -32.02
C TYR A 231 -2.65 8.84 -32.03
N ARG A 232 -1.55 9.17 -31.35
CA ARG A 232 -1.05 10.54 -31.32
C ARG A 232 0.42 10.47 -31.67
N ILE A 233 0.93 11.56 -32.24
CA ILE A 233 2.33 11.60 -32.58
C ILE A 233 3.07 12.13 -31.36
N VAL A 234 4.13 11.46 -30.97
CA VAL A 234 4.94 11.92 -29.85
C VAL A 234 6.35 11.50 -30.21
N ASN A 235 7.16 12.49 -30.61
CA ASN A 235 8.54 12.25 -30.97
C ASN A 235 9.41 12.21 -29.73
N LYS A 236 9.26 11.13 -28.96
CA LYS A 236 10.01 10.91 -27.73
C LYS A 236 10.34 9.43 -27.69
N PRO A 237 11.51 9.07 -27.14
CA PRO A 237 11.88 7.67 -27.06
C PRO A 237 11.10 7.00 -25.92
N HIS A 238 11.02 5.68 -25.98
CA HIS A 238 10.30 4.90 -25.00
C HIS A 238 11.36 4.11 -24.24
N PHE A 239 11.22 3.98 -22.92
CA PHE A 239 12.22 3.26 -22.13
C PHE A 239 12.50 1.83 -22.59
N ARG A 240 11.64 1.26 -23.42
CA ARG A 240 11.82 -0.11 -23.92
C ARG A 240 11.93 -0.21 -25.44
N THR A 241 11.03 0.47 -26.15
CA THR A 241 11.04 0.42 -27.61
C THR A 241 11.99 1.45 -28.22
N SER A 242 12.63 2.23 -27.37
CA SER A 242 13.61 3.22 -27.82
C SER A 242 13.04 4.25 -28.79
N ASP A 243 13.61 4.32 -30.00
CA ASP A 243 13.21 5.25 -31.05
C ASP A 243 12.41 4.55 -32.17
N GLU A 244 11.87 3.39 -31.84
CA GLU A 244 11.10 2.58 -32.76
C GLU A 244 9.78 3.20 -33.21
N TRP A 245 9.13 3.94 -32.30
CA TRP A 245 7.76 4.51 -32.54
C TRP A 245 7.60 6.01 -32.36
N HIS A 246 6.86 6.65 -33.26
CA HIS A 246 6.60 8.09 -33.16
C HIS A 246 5.14 8.34 -32.90
N ILE A 247 4.37 7.26 -32.89
CA ILE A 247 2.96 7.34 -32.58
C ILE A 247 2.74 6.36 -31.43
N TYR A 248 1.92 6.77 -30.48
CA TYR A 248 1.61 5.93 -29.35
C TYR A 248 0.10 5.90 -29.19
N PRO A 249 -0.45 4.72 -28.92
CA PRO A 249 -1.89 4.53 -28.76
C PRO A 249 -2.49 5.21 -27.54
N ALA A 250 -3.61 5.91 -27.74
CA ALA A 250 -4.32 6.54 -26.65
C ALA A 250 -4.91 5.42 -25.80
N TYR A 251 -5.21 5.72 -24.55
CA TYR A 251 -5.77 4.73 -23.65
C TYR A 251 -6.98 4.02 -24.20
N ASP A 252 -7.95 4.75 -24.76
CA ASP A 252 -9.15 4.08 -25.26
C ASP A 252 -8.91 3.10 -26.39
N PHE A 253 -7.74 3.16 -27.01
CA PHE A 253 -7.45 2.25 -28.11
C PHE A 253 -6.67 1.02 -27.61
N GLU A 254 -5.59 1.24 -26.89
CA GLU A 254 -4.75 0.14 -26.40
C GLU A 254 -5.34 -0.72 -25.29
N HIS A 255 -6.09 -0.11 -24.40
CA HIS A 255 -6.67 -0.83 -23.26
C HIS A 255 -7.59 -1.98 -23.70
N PRO A 256 -8.60 -1.69 -24.53
CA PRO A 256 -9.48 -2.78 -24.97
C PRO A 256 -8.74 -3.82 -25.81
N LEU A 257 -7.83 -3.37 -26.66
CA LEU A 257 -7.07 -4.29 -27.50
C LEU A 257 -6.21 -5.20 -26.65
N GLN A 258 -5.51 -4.62 -25.67
CA GLN A 258 -4.65 -5.41 -24.82
C GLN A 258 -5.51 -6.43 -24.10
N ASP A 259 -6.65 -6.01 -23.58
CA ASP A 259 -7.54 -6.95 -22.91
C ASP A 259 -7.86 -8.10 -23.88
N ALA A 260 -8.23 -7.76 -25.11
CA ALA A 260 -8.60 -8.74 -26.13
C ALA A 260 -7.45 -9.67 -26.49
N ILE A 261 -6.27 -9.08 -26.69
CA ILE A 261 -5.08 -9.87 -27.03
C ILE A 261 -4.70 -10.84 -25.91
N GLU A 262 -4.89 -10.42 -24.66
CA GLU A 262 -4.55 -11.28 -23.52
C GLU A 262 -5.57 -12.37 -23.21
N GLY A 263 -6.76 -12.26 -23.76
CA GLY A 263 -7.78 -13.24 -23.47
C GLY A 263 -8.55 -12.90 -22.21
N VAL A 264 -8.45 -11.64 -21.75
CA VAL A 264 -9.17 -11.21 -20.56
C VAL A 264 -10.67 -11.44 -20.80
N THR A 265 -11.39 -11.94 -19.80
CA THR A 265 -12.83 -12.13 -19.99
C THR A 265 -13.58 -11.04 -19.23
N HIS A 266 -13.17 -10.75 -18.01
CA HIS A 266 -13.84 -9.69 -17.24
C HIS A 266 -12.83 -8.60 -16.90
N SER A 267 -12.98 -7.48 -17.60
CA SER A 267 -12.11 -6.34 -17.44
C SER A 267 -12.72 -5.43 -16.39
N MET A 268 -12.01 -5.22 -15.28
CA MET A 268 -12.53 -4.40 -14.19
C MET A 268 -11.80 -3.08 -14.05
N CYS A 269 -12.56 -1.98 -14.03
CA CYS A 269 -11.98 -0.65 -13.87
C CYS A 269 -12.89 0.20 -12.99
N SER A 270 -12.49 1.44 -12.73
CA SER A 270 -13.28 2.31 -11.87
C SER A 270 -14.39 3.04 -12.63
N LEU A 271 -15.33 3.60 -11.88
CA LEU A 271 -16.48 4.31 -12.45
C LEU A 271 -16.14 5.41 -13.43
N GLU A 272 -14.98 6.04 -13.26
CA GLU A 272 -14.60 7.11 -14.17
C GLU A 272 -14.60 6.67 -15.64
N PHE A 273 -14.54 5.37 -15.91
CA PHE A 273 -14.50 4.91 -17.30
C PHE A 273 -15.82 4.35 -17.84
N VAL A 274 -16.93 4.74 -17.23
CA VAL A 274 -18.25 4.28 -17.68
C VAL A 274 -18.47 4.64 -19.14
N ASP A 275 -18.44 5.94 -19.45
CA ASP A 275 -18.62 6.39 -20.81
C ASP A 275 -17.63 5.78 -21.81
N ASN A 276 -16.44 5.44 -21.35
CA ASN A 276 -15.43 4.85 -22.23
C ASN A 276 -15.86 3.48 -22.73
N ARG A 277 -16.79 2.86 -22.01
CA ARG A 277 -17.26 1.52 -22.38
C ARG A 277 -17.89 1.45 -23.79
N ALA A 278 -18.41 2.57 -24.27
CA ALA A 278 -19.02 2.56 -25.60
C ALA A 278 -17.94 2.31 -26.66
N ILE A 279 -16.76 2.90 -26.47
CA ILE A 279 -15.64 2.76 -27.39
C ILE A 279 -15.06 1.36 -27.26
N TYR A 280 -14.99 0.90 -26.00
CA TYR A 280 -14.49 -0.43 -25.70
C TYR A 280 -15.36 -1.43 -26.48
N ASP A 281 -16.69 -1.27 -26.37
CA ASP A 281 -17.58 -2.17 -27.10
C ASP A 281 -17.48 -1.97 -28.61
N TRP A 282 -17.47 -0.71 -29.06
CA TRP A 282 -17.35 -0.46 -30.49
C TRP A 282 -16.12 -1.17 -31.09
N LEU A 283 -14.99 -1.09 -30.40
CA LEU A 283 -13.77 -1.71 -30.88
C LEU A 283 -13.82 -3.23 -30.92
N MET A 284 -14.34 -3.84 -29.85
CA MET A 284 -14.45 -5.30 -29.80
C MET A 284 -15.31 -5.78 -30.97
N GLU A 285 -16.31 -4.98 -31.33
CA GLU A 285 -17.19 -5.35 -32.42
C GLU A 285 -16.58 -5.10 -33.80
N LYS A 286 -16.12 -3.89 -34.05
CA LYS A 286 -15.54 -3.61 -35.36
C LYS A 286 -14.39 -4.53 -35.68
N LEU A 287 -13.69 -5.03 -34.66
CA LEU A 287 -12.57 -5.93 -34.88
C LEU A 287 -12.93 -7.42 -34.76
N ASN A 288 -14.20 -7.71 -34.55
CA ASN A 288 -14.73 -9.07 -34.46
C ASN A 288 -14.11 -10.06 -33.47
N PHE A 289 -13.71 -9.58 -32.30
CA PHE A 289 -13.14 -10.50 -31.32
C PHE A 289 -14.23 -11.42 -30.78
N ASP A 290 -13.99 -12.72 -30.87
CA ASP A 290 -14.90 -13.73 -30.34
C ASP A 290 -14.02 -14.90 -29.98
N PRO A 291 -13.92 -15.23 -28.69
CA PRO A 291 -14.59 -14.57 -27.56
C PRO A 291 -14.08 -13.12 -27.35
N ARG A 292 -14.86 -12.30 -26.66
CA ARG A 292 -14.45 -10.91 -26.41
C ARG A 292 -14.60 -10.52 -24.96
N PRO A 293 -13.70 -9.67 -24.45
CA PRO A 293 -13.83 -9.28 -23.05
C PRO A 293 -14.95 -8.28 -22.86
N HIS A 294 -15.40 -8.10 -21.62
CA HIS A 294 -16.44 -7.13 -21.31
C HIS A 294 -15.93 -6.32 -20.12
N GLN A 295 -16.28 -5.05 -20.08
CA GLN A 295 -15.85 -4.18 -19.01
C GLN A 295 -16.92 -3.96 -17.95
N TYR A 296 -16.51 -4.05 -16.69
CA TYR A 296 -17.39 -3.81 -15.54
C TYR A 296 -16.70 -2.81 -14.61
N GLU A 297 -17.39 -1.73 -14.26
CA GLU A 297 -16.87 -0.69 -13.41
C GLU A 297 -17.37 -0.74 -11.97
N PHE A 298 -16.45 -0.62 -11.01
CA PHE A 298 -16.80 -0.62 -9.59
C PHE A 298 -16.38 0.72 -8.95
N GLY A 299 -17.10 1.12 -7.91
CA GLY A 299 -16.80 2.39 -7.26
C GLY A 299 -15.42 2.48 -6.63
N ARG A 300 -14.86 3.69 -6.61
CA ARG A 300 -13.54 3.92 -6.04
C ARG A 300 -13.64 3.79 -4.52
N ARG A 301 -12.51 3.47 -3.89
CA ARG A 301 -12.47 3.30 -2.46
C ARG A 301 -11.26 4.04 -1.89
N GLY A 302 -11.35 5.37 -1.85
CA GLY A 302 -10.26 6.16 -1.32
C GLY A 302 -10.09 6.04 0.19
N LEU A 303 -8.84 5.91 0.62
CA LEU A 303 -8.51 5.79 2.03
C LEU A 303 -8.42 7.19 2.63
N GLU A 304 -9.03 7.40 3.80
CA GLU A 304 -9.01 8.72 4.44
C GLU A 304 -7.64 9.08 5.05
N TYR A 305 -7.45 10.37 5.33
CA TYR A 305 -6.20 10.88 5.90
C TYR A 305 -5.02 10.52 5.00
N THR A 306 -5.30 10.11 3.78
CA THR A 306 -4.24 9.68 2.88
C THR A 306 -4.26 10.37 1.52
N ILE A 307 -3.09 10.75 1.03
CA ILE A 307 -2.98 11.37 -0.29
C ILE A 307 -2.09 10.45 -1.10
N THR A 308 -2.55 10.07 -2.30
CA THR A 308 -1.76 9.19 -3.15
C THR A 308 -1.35 9.86 -4.46
N SER A 309 -1.83 11.08 -4.67
CA SER A 309 -1.49 11.85 -5.86
C SER A 309 0.04 11.94 -5.97
N LYS A 310 0.59 11.56 -7.12
CA LYS A 310 2.03 11.58 -7.27
C LYS A 310 2.70 12.94 -7.16
N ARG A 311 2.16 13.94 -7.84
CA ARG A 311 2.75 15.26 -7.80
C ARG A 311 2.79 15.83 -6.39
N LYS A 312 1.76 15.54 -5.59
CA LYS A 312 1.74 16.05 -4.22
C LYS A 312 2.72 15.31 -3.32
N LEU A 313 2.83 13.99 -3.51
CA LEU A 313 3.77 13.22 -2.69
C LEU A 313 5.20 13.61 -3.06
N ARG A 314 5.42 13.97 -4.33
CA ARG A 314 6.77 14.36 -4.76
C ARG A 314 7.17 15.64 -4.06
N GLU A 315 6.23 16.57 -3.90
CA GLU A 315 6.54 17.82 -3.21
C GLU A 315 6.97 17.54 -1.78
N LEU A 316 6.30 16.60 -1.11
CA LEU A 316 6.67 16.29 0.27
C LEU A 316 8.09 15.77 0.30
N VAL A 317 8.45 14.95 -0.70
CA VAL A 317 9.82 14.42 -0.75
C VAL A 317 10.79 15.55 -1.08
N GLN A 318 10.45 16.36 -2.09
CA GLN A 318 11.31 17.48 -2.50
C GLN A 318 11.56 18.45 -1.35
N ALA A 319 10.50 18.79 -0.63
CA ALA A 319 10.59 19.72 0.48
C ALA A 319 11.16 19.08 1.74
N GLY A 320 11.44 17.80 1.68
CA GLY A 320 12.02 17.12 2.83
C GLY A 320 11.12 16.88 4.03
N ARG A 321 9.80 16.96 3.87
CA ARG A 321 8.90 16.71 4.99
C ARG A 321 8.88 15.21 5.27
N VAL A 322 9.47 14.47 4.34
CA VAL A 322 9.56 13.03 4.42
C VAL A 322 10.96 12.65 3.94
N SER A 323 11.50 11.53 4.39
CA SER A 323 12.85 11.15 3.99
C SER A 323 12.94 10.68 2.54
N GLY A 324 11.83 10.20 2.00
CA GLY A 324 11.84 9.69 0.64
C GLY A 324 10.53 8.94 0.33
N TRP A 325 10.51 8.18 -0.74
CA TRP A 325 9.30 7.48 -1.11
C TRP A 325 8.99 6.26 -0.25
N ASP A 326 9.97 5.83 0.53
CA ASP A 326 9.74 4.68 1.38
C ASP A 326 9.71 5.11 2.85
N ASP A 327 9.46 6.38 3.10
CA ASP A 327 9.39 6.85 4.48
C ASP A 327 8.14 6.19 5.06
N PRO A 328 8.26 5.47 6.17
CA PRO A 328 7.12 4.80 6.79
C PRO A 328 5.79 5.56 6.82
N ARG A 329 5.83 6.89 6.85
CA ARG A 329 4.61 7.68 6.86
C ARG A 329 3.94 7.76 5.51
N MET A 330 4.66 7.38 4.46
CA MET A 330 4.12 7.45 3.11
C MET A 330 3.18 6.28 2.79
N PRO A 331 2.21 6.52 1.87
CA PRO A 331 1.21 5.53 1.46
C PRO A 331 1.71 4.48 0.46
N THR A 332 2.95 4.60 -0.01
CA THR A 332 3.44 3.60 -0.95
C THR A 332 3.57 2.24 -0.27
N LEU A 333 3.48 1.15 -1.06
CA LEU A 333 3.60 -0.19 -0.51
C LEU A 333 5.02 -0.37 0.07
N ARG A 334 5.98 0.27 -0.57
CA ARG A 334 7.38 0.22 -0.12
C ARG A 334 7.48 0.79 1.29
N ALA A 335 6.78 1.89 1.53
CA ALA A 335 6.78 2.51 2.84
C ALA A 335 6.07 1.55 3.84
N GLN A 336 4.98 0.92 3.42
CA GLN A 336 4.26 0.00 4.30
C GLN A 336 5.11 -1.22 4.64
N ARG A 337 5.88 -1.69 3.66
CA ARG A 337 6.74 -2.84 3.88
C ARG A 337 7.81 -2.45 4.90
N ARG A 338 8.36 -1.26 4.75
CA ARG A 338 9.37 -0.80 5.68
C ARG A 338 8.76 -0.45 7.06
N LEU A 339 7.54 0.07 7.08
CA LEU A 339 6.88 0.40 8.35
C LEU A 339 6.80 -0.88 9.19
N GLY A 340 6.66 -2.02 8.51
CA GLY A 340 6.58 -3.29 9.21
C GLY A 340 5.24 -4.01 9.04
N VAL A 341 4.33 -3.41 8.28
CA VAL A 341 3.02 -3.99 8.03
C VAL A 341 3.18 -5.31 7.30
N THR A 342 2.36 -6.29 7.65
CA THR A 342 2.46 -7.58 7.01
C THR A 342 1.54 -7.66 5.80
N PRO A 343 1.94 -8.43 4.78
CA PRO A 343 1.09 -8.55 3.60
C PRO A 343 -0.28 -9.13 3.98
N GLU A 344 -0.29 -10.03 4.96
CA GLU A 344 -1.52 -10.65 5.42
C GLU A 344 -2.50 -9.61 5.90
N ALA A 345 -1.99 -8.61 6.63
CA ALA A 345 -2.85 -7.56 7.15
C ALA A 345 -3.36 -6.69 6.04
N VAL A 346 -2.54 -6.43 5.03
CA VAL A 346 -3.03 -5.58 3.95
C VAL A 346 -4.16 -6.28 3.22
N ARG A 347 -4.02 -7.59 2.99
CA ARG A 347 -5.08 -8.34 2.31
C ARG A 347 -6.37 -8.41 3.16
N ALA A 348 -6.22 -8.54 4.49
CA ALA A 348 -7.41 -8.62 5.34
C ALA A 348 -8.14 -7.29 5.34
N PHE A 349 -7.43 -6.22 5.04
CA PHE A 349 -8.02 -4.88 5.00
C PHE A 349 -8.82 -4.76 3.71
N ALA A 350 -8.16 -5.11 2.62
CA ALA A 350 -8.78 -5.06 1.31
C ALA A 350 -10.01 -5.96 1.27
N ALA A 351 -9.94 -7.10 1.95
CA ALA A 351 -11.06 -8.05 1.96
C ALA A 351 -12.30 -7.48 2.63
N GLN A 352 -12.11 -6.67 3.66
CA GLN A 352 -13.21 -6.05 4.40
C GLN A 352 -13.92 -4.91 3.67
N ILE A 353 -13.32 -4.43 2.58
CA ILE A 353 -13.89 -3.31 1.82
C ILE A 353 -15.01 -3.80 0.90
N GLY A 354 -16.16 -3.14 0.96
CA GLY A 354 -17.27 -3.57 0.10
C GLY A 354 -17.09 -3.21 -1.36
N VAL A 355 -17.66 -4.03 -2.24
CA VAL A 355 -17.59 -3.80 -3.67
C VAL A 355 -18.94 -3.34 -4.18
N SER A 356 -19.01 -2.18 -4.81
CA SER A 356 -20.29 -1.69 -5.33
C SER A 356 -20.01 -0.76 -6.49
N ARG A 357 -21.06 -0.19 -7.05
CA ARG A 357 -20.93 0.74 -8.17
C ARG A 357 -21.00 2.19 -7.70
N THR A 358 -20.75 2.40 -6.43
CA THR A 358 -20.79 3.72 -5.83
C THR A 358 -19.43 4.03 -5.22
N ASN A 359 -18.95 5.26 -5.42
CA ASN A 359 -17.68 5.66 -4.86
C ASN A 359 -17.85 5.92 -3.37
N ARG A 360 -16.89 5.45 -2.57
CA ARG A 360 -16.96 5.65 -1.12
C ARG A 360 -15.56 5.79 -0.51
N THR A 361 -15.48 6.34 0.68
CA THR A 361 -14.18 6.47 1.33
C THR A 361 -14.10 5.42 2.42
N VAL A 362 -12.90 5.11 2.88
CA VAL A 362 -12.68 4.11 3.90
C VAL A 362 -11.88 4.80 5.00
N ASP A 363 -12.26 4.64 6.26
CA ASP A 363 -11.47 5.28 7.29
C ASP A 363 -10.27 4.39 7.61
N ILE A 364 -9.11 5.02 7.76
CA ILE A 364 -7.88 4.27 8.04
C ILE A 364 -7.99 3.37 9.24
N ALA A 365 -8.97 3.61 10.10
CA ALA A 365 -9.12 2.76 11.27
C ALA A 365 -9.26 1.30 10.83
N VAL A 366 -9.95 1.06 9.71
CA VAL A 366 -10.11 -0.32 9.26
C VAL A 366 -8.73 -0.88 8.88
N TYR A 367 -7.89 -0.03 8.30
CA TYR A 367 -6.56 -0.44 7.92
C TYR A 367 -5.71 -0.65 9.17
N GLU A 368 -5.69 0.36 10.02
CA GLU A 368 -4.94 0.30 11.27
C GLU A 368 -5.30 -0.94 12.12
N ASN A 369 -6.60 -1.20 12.31
CA ASN A 369 -7.05 -2.36 13.10
C ASN A 369 -6.61 -3.66 12.44
N ALA A 370 -6.61 -3.71 11.11
CA ALA A 370 -6.18 -4.93 10.44
C ALA A 370 -4.70 -5.16 10.75
N VAL A 371 -3.91 -4.08 10.79
CA VAL A 371 -2.49 -4.22 11.11
C VAL A 371 -2.31 -4.71 12.56
N ARG A 372 -2.98 -4.05 13.49
CA ARG A 372 -2.90 -4.40 14.90
C ARG A 372 -3.36 -5.82 15.16
N ASP A 373 -4.47 -6.21 14.53
CA ASP A 373 -5.04 -7.55 14.70
C ASP A 373 -4.14 -8.66 14.14
N ASP A 374 -3.47 -8.40 13.02
CA ASP A 374 -2.58 -9.41 12.46
C ASP A 374 -1.34 -9.59 13.34
N LEU A 375 -0.87 -8.51 13.95
CA LEU A 375 0.33 -8.58 14.79
C LEU A 375 0.10 -9.23 16.16
N ASN A 376 -1.15 -9.21 16.61
CA ASN A 376 -1.50 -9.78 17.91
C ASN A 376 -1.01 -11.23 18.05
N HIS A 377 -1.15 -12.05 17.01
CA HIS A 377 -0.73 -13.44 17.08
C HIS A 377 0.67 -13.71 16.53
N ARG A 378 1.33 -12.69 15.99
CA ARG A 378 2.66 -12.89 15.44
C ARG A 378 3.81 -12.18 16.15
N ALA A 379 3.49 -11.23 17.02
CA ALA A 379 4.55 -10.46 17.68
C ALA A 379 4.72 -10.81 19.14
N PRO A 380 5.75 -11.62 19.44
CA PRO A 380 5.99 -12.00 20.84
C PRO A 380 6.24 -10.73 21.64
N ARG A 381 5.81 -10.73 22.90
CA ARG A 381 5.96 -9.57 23.79
C ARG A 381 7.36 -9.52 24.41
N VAL A 382 7.93 -8.32 24.40
CA VAL A 382 9.25 -8.10 24.93
C VAL A 382 9.25 -6.73 25.60
N MET A 383 10.28 -6.45 26.41
CA MET A 383 10.38 -5.17 27.11
C MET A 383 11.48 -4.27 26.56
N ALA A 384 11.11 -3.01 26.39
CA ALA A 384 12.00 -1.99 25.89
C ALA A 384 11.62 -0.70 26.61
N VAL A 385 12.62 0.08 26.97
CA VAL A 385 12.38 1.35 27.64
C VAL A 385 12.86 2.42 26.69
N LEU A 386 11.93 3.25 26.21
CA LEU A 386 12.23 4.30 25.26
C LEU A 386 12.73 5.63 25.82
N ASP A 387 12.29 5.98 27.03
CA ASP A 387 12.70 7.22 27.68
C ASP A 387 13.19 6.77 29.05
N PRO A 388 14.36 6.11 29.10
CA PRO A 388 15.01 5.56 30.28
C PRO A 388 15.45 6.43 31.45
N VAL A 389 15.11 5.95 32.64
CA VAL A 389 15.54 6.59 33.88
C VAL A 389 16.11 5.46 34.70
N LYS A 390 17.34 5.64 35.15
CA LYS A 390 18.04 4.63 35.94
C LYS A 390 17.50 4.42 37.37
N VAL A 391 17.41 3.17 37.80
CA VAL A 391 16.97 2.89 39.15
C VAL A 391 17.84 1.78 39.70
N THR A 392 18.38 2.04 40.88
CA THR A 392 19.25 1.11 41.56
C THR A 392 18.45 0.40 42.66
N LEU A 393 18.41 -0.93 42.61
CA LEU A 393 17.74 -1.72 43.62
C LEU A 393 18.79 -1.95 44.71
N THR A 394 18.83 -1.05 45.68
CA THR A 394 19.82 -1.09 46.76
C THR A 394 19.97 -2.39 47.55
N ASN A 395 18.89 -3.16 47.73
CA ASN A 395 18.99 -4.40 48.47
C ASN A 395 19.09 -5.65 47.59
N LEU A 396 19.53 -5.47 46.35
CA LEU A 396 19.70 -6.61 45.46
C LEU A 396 21.17 -6.82 45.15
N ASP A 397 21.66 -7.99 45.53
CA ASP A 397 23.04 -8.35 45.25
C ASP A 397 22.95 -9.67 44.50
N GLY A 398 23.45 -9.68 43.27
CA GLY A 398 23.38 -10.89 42.49
C GLY A 398 22.21 -10.95 41.53
N GLU A 399 22.54 -10.98 40.25
CA GLU A 399 21.57 -11.06 39.16
C GLU A 399 20.68 -12.29 39.28
N LYS A 400 19.39 -12.10 39.01
CA LYS A 400 18.42 -13.20 39.06
C LYS A 400 18.00 -13.37 37.60
N THR A 401 17.78 -14.61 37.17
CA THR A 401 17.38 -14.87 35.80
C THR A 401 15.91 -15.25 35.79
N LEU A 402 15.08 -14.41 35.19
CA LEU A 402 13.66 -14.70 35.12
C LEU A 402 13.41 -15.35 33.77
N SER A 403 12.41 -16.21 33.73
CA SER A 403 12.06 -16.88 32.49
C SER A 403 10.63 -16.44 32.21
N LEU A 404 10.45 -15.46 31.33
CA LEU A 404 9.12 -14.97 31.06
C LEU A 404 8.61 -15.39 29.70
N PRO A 405 7.31 -15.69 29.62
CA PRO A 405 6.60 -16.12 28.40
C PRO A 405 6.44 -15.01 27.36
N TYR A 406 6.61 -15.39 26.09
CA TYR A 406 6.47 -14.47 24.97
C TYR A 406 5.04 -14.10 24.64
N TRP A 407 4.10 -15.02 24.90
CA TRP A 407 2.70 -14.81 24.56
C TRP A 407 1.65 -14.76 25.67
N PRO A 408 0.63 -13.92 25.50
CA PRO A 408 -0.47 -13.76 26.47
C PRO A 408 -1.36 -14.98 26.32
N HIS A 409 -2.09 -15.30 27.38
CA HIS A 409 -2.97 -16.46 27.35
C HIS A 409 -3.99 -16.46 26.19
N ASP A 410 -4.63 -15.33 25.94
CA ASP A 410 -5.63 -15.25 24.87
C ASP A 410 -5.08 -15.59 23.49
N VAL A 411 -3.78 -15.37 23.29
CA VAL A 411 -3.15 -15.69 22.03
C VAL A 411 -2.97 -17.20 21.94
N VAL A 412 -2.46 -17.77 23.04
CA VAL A 412 -2.26 -19.21 23.12
C VAL A 412 -3.59 -19.91 22.94
N ARG A 413 -4.59 -19.44 23.69
CA ARG A 413 -5.94 -19.99 23.62
C ARG A 413 -6.46 -20.08 22.18
N ASP A 414 -6.36 -18.98 21.44
CA ASP A 414 -6.85 -18.94 20.06
C ASP A 414 -5.90 -19.51 19.02
N SER A 415 -4.87 -20.23 19.47
CA SER A 415 -3.93 -20.82 18.54
C SER A 415 -4.57 -21.94 17.73
N PRO A 416 -4.44 -21.90 16.40
CA PRO A 416 -5.04 -22.92 15.54
C PRO A 416 -4.51 -24.34 15.79
N ASP A 417 -3.23 -24.45 16.12
CA ASP A 417 -2.62 -25.75 16.36
C ASP A 417 -2.20 -26.01 17.80
N GLY A 418 -2.67 -25.18 18.72
CA GLY A 418 -2.32 -25.37 20.12
C GLY A 418 -0.85 -25.11 20.38
N LEU A 419 -0.18 -24.56 19.37
CA LEU A 419 1.23 -24.24 19.49
C LEU A 419 1.39 -22.73 19.38
N VAL A 420 2.62 -22.24 19.49
CA VAL A 420 2.81 -20.81 19.38
C VAL A 420 4.21 -20.50 18.85
N GLY A 421 4.38 -19.28 18.34
CA GLY A 421 5.65 -18.88 17.76
C GLY A 421 6.84 -18.62 18.67
N MET A 422 8.02 -18.86 18.11
CA MET A 422 9.29 -18.66 18.80
C MET A 422 10.19 -17.94 17.79
N PRO A 423 10.58 -16.69 18.08
CA PRO A 423 11.45 -15.96 17.15
C PRO A 423 12.68 -16.78 16.75
N GLY A 424 12.85 -16.99 15.45
CA GLY A 424 13.99 -17.76 14.98
C GLY A 424 13.59 -19.22 14.83
N GLY A 425 13.07 -19.81 15.90
CA GLY A 425 12.65 -21.20 15.83
C GLY A 425 11.39 -21.28 14.98
N GLY A 426 10.59 -22.31 15.18
CA GLY A 426 9.36 -22.44 14.44
C GLY A 426 8.25 -22.18 15.41
N ARG A 427 7.39 -23.17 15.59
CA ARG A 427 6.29 -23.07 16.52
C ARG A 427 6.58 -24.08 17.63
N VAL A 428 6.13 -23.80 18.84
CA VAL A 428 6.37 -24.69 19.97
C VAL A 428 5.25 -24.67 20.99
N ALA A 429 5.30 -25.58 21.95
CA ALA A 429 4.29 -25.63 23.01
C ALA A 429 4.48 -24.35 23.82
N PRO A 430 3.37 -23.70 24.21
CA PRO A 430 3.43 -22.46 24.98
C PRO A 430 4.45 -22.47 26.12
N GLU A 431 4.59 -23.61 26.78
CA GLU A 431 5.53 -23.78 27.89
C GLU A 431 6.95 -23.48 27.42
N GLU A 432 7.22 -23.76 26.15
CA GLU A 432 8.55 -23.53 25.57
C GLU A 432 8.77 -22.08 25.10
N ALA A 433 7.69 -21.36 24.86
CA ALA A 433 7.79 -19.98 24.39
C ALA A 433 8.11 -18.99 25.50
N VAL A 434 9.35 -19.04 26.00
CA VAL A 434 9.85 -18.18 27.06
C VAL A 434 11.29 -17.75 26.76
N ARG A 435 11.80 -16.79 27.52
CA ARG A 435 13.18 -16.33 27.35
C ARG A 435 13.71 -15.82 28.66
N ASP A 436 15.04 -15.80 28.76
CA ASP A 436 15.72 -15.32 29.96
C ASP A 436 15.68 -13.80 29.98
N VAL A 437 15.20 -13.26 31.08
CA VAL A 437 15.12 -11.82 31.26
C VAL A 437 15.93 -11.57 32.52
N PRO A 438 17.08 -10.90 32.39
CA PRO A 438 17.92 -10.62 33.57
C PRO A 438 17.41 -9.49 34.44
N LEU A 439 17.32 -9.76 35.74
CA LEU A 439 16.88 -8.78 36.73
C LEU A 439 18.15 -8.43 37.53
N THR A 440 18.71 -7.25 37.28
CA THR A 440 19.93 -6.81 37.94
C THR A 440 19.75 -5.60 38.86
N ARG A 441 20.76 -5.32 39.66
CA ARG A 441 20.79 -4.21 40.61
C ARG A 441 20.43 -2.87 39.96
N GLU A 442 21.00 -2.61 38.79
CA GLU A 442 20.74 -1.38 38.06
C GLU A 442 19.71 -1.66 36.97
N LEU A 443 18.66 -0.85 36.90
CA LEU A 443 17.59 -1.03 35.92
C LEU A 443 17.27 0.29 35.25
N TYR A 444 16.44 0.21 34.22
CA TYR A 444 15.94 1.37 33.52
C TYR A 444 14.43 1.19 33.51
N ILE A 445 13.71 2.27 33.85
CA ILE A 445 12.25 2.24 33.76
C ILE A 445 11.92 3.49 32.94
N GLU A 446 10.72 3.50 32.40
CA GLU A 446 10.24 4.59 31.58
C GLU A 446 10.09 5.87 32.44
N ARG A 447 10.54 7.00 31.92
CA ARG A 447 10.45 8.28 32.65
C ARG A 447 9.01 8.60 33.09
N ASP A 448 8.03 8.38 32.21
CA ASP A 448 6.66 8.68 32.59
C ASP A 448 6.06 7.69 33.60
N ASP A 449 6.83 6.68 33.99
CA ASP A 449 6.33 5.73 35.01
C ASP A 449 6.79 6.13 36.42
N PHE A 450 7.47 7.25 36.53
CA PHE A 450 7.88 7.75 37.83
C PHE A 450 7.39 9.20 37.88
N SER A 451 6.65 9.57 38.90
CA SER A 451 6.16 10.93 38.95
C SER A 451 6.28 11.55 40.33
N PRO A 452 7.13 12.58 40.45
CA PRO A 452 7.33 13.25 41.73
C PRO A 452 6.07 14.03 42.13
N ALA A 453 5.33 14.55 41.15
CA ALA A 453 4.10 15.31 41.43
C ALA A 453 2.97 14.62 40.66
N PRO A 454 2.51 13.48 41.20
CA PRO A 454 1.46 12.70 40.57
C PRO A 454 0.04 13.25 40.55
N PRO A 455 -0.69 12.98 39.45
CA PRO A 455 -2.08 13.44 39.33
C PRO A 455 -2.94 12.41 40.09
N LYS A 456 -4.15 12.80 40.46
CA LYS A 456 -5.05 11.89 41.18
C LYS A 456 -5.24 10.58 40.40
N GLY A 457 -5.11 9.45 41.09
CA GLY A 457 -5.28 8.16 40.43
C GLY A 457 -4.06 7.61 39.72
N PHE A 458 -2.90 8.25 39.89
CA PHE A 458 -1.67 7.80 39.25
C PHE A 458 -1.39 6.41 39.80
N LYS A 459 -1.21 5.44 38.92
CA LYS A 459 -1.01 4.09 39.40
C LYS A 459 0.43 3.64 39.43
N ARG A 460 1.35 4.41 38.88
CA ARG A 460 2.73 3.94 38.89
C ARG A 460 3.62 4.44 40.02
N LEU A 461 4.94 4.53 39.79
CA LEU A 461 5.88 4.91 40.83
C LEU A 461 5.88 6.37 41.26
N THR A 462 5.91 6.61 42.56
CA THR A 462 5.95 7.95 43.12
C THR A 462 6.92 7.93 44.30
N PRO A 463 7.39 9.10 44.74
CA PRO A 463 8.34 9.18 45.87
C PRO A 463 7.77 8.53 47.14
N GLY A 464 8.50 7.58 47.69
CA GLY A 464 8.03 6.89 48.88
C GLY A 464 6.95 5.89 48.54
N GLY A 465 6.56 5.84 47.27
CA GLY A 465 5.52 4.92 46.85
C GLY A 465 6.07 3.59 46.32
N THR A 466 5.19 2.71 45.89
CA THR A 466 5.59 1.40 45.36
C THR A 466 5.02 1.18 43.98
N VAL A 467 5.59 0.22 43.25
CA VAL A 467 5.07 -0.16 41.95
C VAL A 467 5.53 -1.58 41.72
N ARG A 468 4.79 -2.33 40.92
CA ARG A 468 5.19 -3.69 40.65
C ARG A 468 6.00 -3.72 39.35
N LEU A 469 7.14 -4.38 39.38
CA LEU A 469 7.96 -4.51 38.17
C LEU A 469 7.46 -5.80 37.53
N ARG A 470 7.10 -5.70 36.26
CA ARG A 470 6.59 -6.83 35.47
C ARG A 470 7.40 -8.11 35.72
N GLY A 471 6.70 -9.15 36.16
CA GLY A 471 7.31 -10.44 36.42
C GLY A 471 8.44 -10.46 37.43
N ALA A 472 8.56 -9.45 38.27
CA ALA A 472 9.68 -9.44 39.21
C ALA A 472 9.43 -9.02 40.64
N GLY A 473 8.25 -8.49 40.95
CA GLY A 473 8.01 -8.10 42.33
C GLY A 473 7.85 -6.60 42.52
N ILE A 474 7.57 -6.20 43.75
CA ILE A 474 7.36 -4.80 44.08
C ILE A 474 8.58 -4.03 44.59
N ILE A 475 8.73 -2.79 44.14
CA ILE A 475 9.83 -1.98 44.62
C ILE A 475 9.25 -0.70 45.20
N ARG A 476 10.02 -0.06 46.06
CA ARG A 476 9.58 1.19 46.67
C ARG A 476 10.63 2.24 46.38
N ALA A 477 10.19 3.42 45.93
CA ALA A 477 11.12 4.51 45.64
C ALA A 477 11.62 5.10 46.97
N ASP A 478 12.91 4.92 47.28
CA ASP A 478 13.43 5.44 48.53
C ASP A 478 14.07 6.81 48.38
N ASP A 479 14.57 7.12 47.18
CA ASP A 479 15.22 8.40 46.94
C ASP A 479 15.39 8.60 45.43
N PHE A 480 15.69 9.84 45.03
CA PHE A 480 15.92 10.16 43.63
C PHE A 480 16.50 11.57 43.53
N GLY A 481 17.29 11.80 42.49
CA GLY A 481 17.88 13.10 42.26
C GLY A 481 17.21 13.84 41.10
N THR A 482 17.39 15.15 41.04
CA THR A 482 16.82 15.99 39.98
C THR A 482 17.86 16.99 39.44
N ASP A 483 17.92 17.16 38.13
CA ASP A 483 18.86 18.12 37.52
C ASP A 483 18.26 19.52 37.48
N GLU A 484 19.01 20.50 36.98
CA GLU A 484 18.53 21.88 36.93
C GLU A 484 17.26 22.05 36.11
N ALA A 485 17.17 21.32 35.00
CA ALA A 485 16.01 21.38 34.14
C ALA A 485 14.81 20.70 34.80
N GLY A 486 15.02 20.05 35.94
CA GLY A 486 13.92 19.40 36.63
C GLY A 486 13.60 17.99 36.17
N GLN A 487 14.54 17.33 35.50
CA GLN A 487 14.34 15.96 35.05
C GLN A 487 14.97 15.03 36.09
N VAL A 488 14.26 13.96 36.43
CA VAL A 488 14.81 13.02 37.39
C VAL A 488 16.00 12.33 36.74
N THR A 489 17.12 12.33 37.44
CA THR A 489 18.33 11.74 36.93
C THR A 489 18.53 10.28 37.35
N HIS A 490 18.04 9.93 38.53
CA HIS A 490 18.19 8.57 39.01
C HIS A 490 17.23 8.31 40.17
N ILE A 491 16.95 7.02 40.41
CA ILE A 491 16.05 6.60 41.46
C ILE A 491 16.73 5.49 42.25
N ARG A 492 16.55 5.50 43.57
CA ARG A 492 17.10 4.45 44.41
C ARG A 492 15.87 3.78 45.01
N ALA A 493 15.81 2.46 44.90
CA ALA A 493 14.65 1.75 45.39
C ALA A 493 15.04 0.46 46.08
N THR A 494 14.05 -0.12 46.75
CA THR A 494 14.20 -1.34 47.50
C THR A 494 13.18 -2.34 47.00
N LEU A 495 13.64 -3.56 46.75
CA LEU A 495 12.77 -4.64 46.31
C LEU A 495 12.11 -5.12 47.59
N LEU A 496 10.79 -5.05 47.67
CA LEU A 496 10.09 -5.47 48.89
C LEU A 496 9.71 -6.94 48.95
N GLY A 497 9.12 -7.32 50.09
CA GLY A 497 8.71 -8.70 50.31
C GLY A 497 7.22 -8.95 50.16
N GLU A 498 6.82 -10.18 50.50
CA GLU A 498 5.43 -10.65 50.40
C GLU A 498 4.31 -9.70 50.80
N ASP A 499 4.42 -9.08 51.98
CA ASP A 499 3.36 -8.18 52.43
C ASP A 499 3.12 -6.96 51.53
N ALA A 500 4.18 -6.48 50.88
CA ALA A 500 4.08 -5.30 50.03
C ALA A 500 2.92 -5.30 49.04
N LYS A 501 2.37 -4.11 48.82
CA LYS A 501 1.28 -3.92 47.88
C LYS A 501 1.63 -2.80 46.88
N ALA A 502 0.94 -2.80 45.75
CA ALA A 502 1.18 -1.80 44.72
C ALA A 502 -0.08 -1.66 43.88
N ALA A 503 -0.27 -0.46 43.36
CA ALA A 503 -1.45 -0.20 42.56
C ALA A 503 -1.19 -0.38 41.07
N GLY A 504 0.06 -0.52 40.67
CA GLY A 504 0.34 -0.66 39.25
C GLY A 504 1.48 -1.57 38.86
N VAL A 505 1.65 -1.76 37.55
CA VAL A 505 2.68 -2.62 37.00
C VAL A 505 3.36 -1.94 35.80
N ILE A 506 4.68 -1.99 35.75
CA ILE A 506 5.38 -1.36 34.66
C ILE A 506 6.46 -2.26 34.09
N HIS A 507 6.83 -2.02 32.83
CA HIS A 507 7.91 -2.80 32.20
C HIS A 507 9.21 -2.19 32.67
N TRP A 508 10.33 -2.80 32.28
CA TRP A 508 11.64 -2.33 32.71
C TRP A 508 12.71 -3.19 32.03
N VAL A 509 13.96 -2.76 32.05
CA VAL A 509 15.06 -3.55 31.49
C VAL A 509 16.32 -3.40 32.34
N SER A 510 17.13 -4.45 32.35
CA SER A 510 18.39 -4.43 33.10
C SER A 510 19.25 -3.33 32.51
N ALA A 511 19.75 -2.43 33.34
CA ALA A 511 20.59 -1.37 32.79
C ALA A 511 21.96 -1.88 32.36
N GLU A 512 22.34 -3.08 32.79
CA GLU A 512 23.65 -3.59 32.41
C GLU A 512 23.61 -4.64 31.30
N ARG A 513 22.50 -5.34 31.16
CA ARG A 513 22.41 -6.36 30.12
C ARG A 513 21.59 -5.95 28.91
N ALA A 514 20.90 -4.80 28.98
CA ALA A 514 20.08 -4.37 27.85
C ALA A 514 20.92 -3.79 26.70
N LEU A 515 20.38 -3.88 25.49
CA LEU A 515 21.04 -3.38 24.29
C LEU A 515 20.51 -1.99 24.00
N PRO A 516 21.41 -1.04 23.73
CA PRO A 516 20.98 0.33 23.43
C PRO A 516 20.28 0.30 22.08
N ALA A 517 19.31 1.19 21.89
CA ALA A 517 18.56 1.20 20.65
C ALA A 517 17.91 2.53 20.36
N GLU A 518 17.65 2.76 19.08
CA GLU A 518 17.00 3.97 18.63
C GLU A 518 15.61 3.54 18.23
N PHE A 519 14.59 4.29 18.64
CA PHE A 519 13.24 3.92 18.28
C PHE A 519 12.68 5.03 17.44
N ARG A 520 11.99 4.69 16.36
CA ARG A 520 11.38 5.68 15.50
C ARG A 520 9.85 5.55 15.61
N LEU A 521 9.21 6.60 16.12
CA LEU A 521 7.77 6.61 16.31
C LEU A 521 7.07 7.47 15.26
N TYR A 522 6.23 6.81 14.46
CA TYR A 522 5.52 7.51 13.41
C TYR A 522 4.06 7.74 13.77
N ASP A 523 3.49 8.78 13.17
CA ASP A 523 2.10 9.10 13.38
C ASP A 523 1.56 9.33 11.97
N ARG A 524 0.24 9.40 11.83
CA ARG A 524 -0.37 9.64 10.52
C ARG A 524 0.24 10.88 9.86
N LEU A 525 0.63 10.76 8.59
CA LEU A 525 1.23 11.88 7.87
C LEU A 525 0.31 13.11 7.85
N PHE A 526 -1.00 12.88 7.73
CA PHE A 526 -2.01 13.94 7.69
C PHE A 526 -3.01 13.88 8.84
N ARG A 527 -3.44 15.05 9.32
CA ARG A 527 -4.35 15.15 10.47
C ARG A 527 -5.85 15.28 10.28
N VAL A 528 -6.33 15.31 9.04
CA VAL A 528 -7.77 15.39 8.81
C VAL A 528 -8.13 14.32 7.80
N PRO A 529 -9.38 13.84 7.81
CA PRO A 529 -9.85 12.79 6.90
C PRO A 529 -9.67 13.08 5.41
N HIS A 530 -9.81 14.35 5.03
CA HIS A 530 -9.70 14.74 3.63
C HIS A 530 -8.72 15.88 3.40
N PRO A 531 -7.41 15.59 3.51
CA PRO A 531 -6.36 16.59 3.31
C PRO A 531 -6.38 17.23 1.91
N GLU A 532 -7.05 16.59 0.96
CA GLU A 532 -7.15 17.12 -0.41
C GLU A 532 -8.50 17.76 -0.66
N GLY A 533 -9.42 17.56 0.28
CA GLY A 533 -10.77 18.06 0.09
C GLY A 533 -11.61 16.84 -0.24
N GLU A 534 -12.92 16.96 -0.19
CA GLU A 534 -13.78 15.81 -0.46
C GLU A 534 -14.00 15.51 -1.94
N ASN A 535 -13.25 16.16 -2.83
CA ASN A 535 -13.37 15.94 -4.26
C ASN A 535 -11.99 15.77 -4.92
N GLY A 564 -0.86 23.57 -0.87
CA GLY A 564 -1.75 23.94 0.22
C GLY A 564 -2.16 22.80 1.14
N PHE A 565 -2.10 21.57 0.63
CA PHE A 565 -2.47 20.38 1.39
C PHE A 565 -1.51 20.20 2.55
N MET A 566 -0.39 20.92 2.52
CA MET A 566 0.61 20.81 3.57
C MET A 566 0.20 21.47 4.89
N ARG A 567 -0.87 22.23 4.88
CA ARG A 567 -1.33 22.86 6.13
C ARG A 567 -1.88 21.72 6.99
N TYR A 568 -2.09 20.57 6.35
CA TYR A 568 -2.64 19.42 7.04
C TYR A 568 -1.67 18.37 7.55
N LEU A 569 -0.37 18.59 7.35
CA LEU A 569 0.64 17.65 7.84
C LEU A 569 0.60 17.56 9.36
N THR A 570 0.56 16.34 9.87
CA THR A 570 0.53 16.12 11.30
C THR A 570 1.86 16.55 11.89
N PRO A 571 1.84 17.32 12.99
CA PRO A 571 3.09 17.77 13.61
C PRO A 571 3.80 16.64 14.38
N ASP A 572 5.11 16.55 14.27
CA ASP A 572 5.86 15.49 14.95
C ASP A 572 5.42 14.10 14.51
N SER A 573 5.22 13.93 13.21
CA SER A 573 4.81 12.65 12.69
C SER A 573 5.95 11.64 12.83
N LEU A 574 7.15 12.15 13.11
CA LEU A 574 8.32 11.31 13.33
C LEU A 574 9.02 11.81 14.58
N ARG A 575 9.22 10.91 15.53
CA ARG A 575 9.90 11.24 16.78
C ARG A 575 10.94 10.16 16.99
N VAL A 576 12.16 10.56 17.34
CA VAL A 576 13.23 9.61 17.57
C VAL A 576 13.57 9.59 19.06
N LEU A 577 13.65 8.40 19.64
CA LEU A 577 14.01 8.29 21.04
C LEU A 577 15.12 7.27 21.14
N ARG A 578 15.98 7.46 22.13
CA ARG A 578 17.09 6.56 22.37
C ARG A 578 16.88 5.89 23.72
N GLY A 579 16.87 4.56 23.69
CA GLY A 579 16.65 3.80 24.90
C GLY A 579 17.31 2.44 24.90
N TYR A 580 16.60 1.45 25.45
CA TYR A 580 17.15 0.09 25.57
C TYR A 580 16.09 -0.98 25.42
N VAL A 581 16.53 -2.15 24.96
CA VAL A 581 15.66 -3.30 24.77
C VAL A 581 16.31 -4.49 25.49
N GLU A 582 15.48 -5.39 26.01
CA GLU A 582 16.01 -6.54 26.72
C GLU A 582 16.96 -7.29 25.78
N PRO A 583 17.96 -7.98 26.36
CA PRO A 583 18.96 -8.75 25.59
C PRO A 583 18.48 -9.95 24.78
N SER A 584 17.41 -10.61 25.20
CA SER A 584 16.90 -11.77 24.47
C SER A 584 16.73 -11.47 22.98
N VAL A 585 16.55 -10.20 22.67
CA VAL A 585 16.34 -9.75 21.30
C VAL A 585 17.55 -9.92 20.36
N ALA A 586 18.75 -9.86 20.93
CA ALA A 586 20.00 -9.97 20.18
C ALA A 586 20.12 -11.20 19.27
N GLY A 587 19.51 -12.31 19.67
CA GLY A 587 19.60 -13.50 18.85
C GLY A 587 18.59 -13.63 17.72
N ASP A 588 17.42 -13.00 17.89
CA ASP A 588 16.35 -13.09 16.91
C ASP A 588 16.62 -12.71 15.46
N PRO A 589 15.83 -13.28 14.53
CA PRO A 589 15.92 -13.03 13.08
C PRO A 589 15.59 -11.55 12.84
N ALA A 590 16.23 -10.96 11.83
CA ALA A 590 16.04 -9.55 11.51
C ALA A 590 14.58 -9.13 11.24
N ASP A 591 13.78 -10.02 10.69
CA ASP A 591 12.39 -9.69 10.38
C ASP A 591 11.44 -10.02 11.55
N THR A 592 11.99 -10.27 12.74
CA THR A 592 11.13 -10.58 13.88
C THR A 592 10.34 -9.33 14.27
N ARG A 593 9.03 -9.48 14.48
CA ARG A 593 8.17 -8.37 14.89
C ARG A 593 7.79 -8.59 16.36
N TYR A 594 7.82 -7.50 17.14
CA TYR A 594 7.52 -7.57 18.56
C TYR A 594 6.46 -6.61 19.07
N GLN A 595 5.89 -6.92 20.21
CA GLN A 595 5.06 -5.97 20.86
C GLN A 595 5.95 -5.52 22.01
N PHE A 596 6.42 -4.28 21.99
CA PHE A 596 7.17 -3.79 23.10
C PHE A 596 6.11 -3.44 24.14
N GLU A 597 6.04 -4.22 25.23
CA GLU A 597 5.04 -4.03 26.25
C GLU A 597 4.70 -2.58 26.61
N ARG A 598 3.40 -2.29 26.61
CA ARG A 598 2.90 -0.96 26.93
C ARG A 598 3.42 0.14 25.99
N GLN A 599 4.05 -0.22 24.88
CA GLN A 599 4.56 0.83 23.97
C GLN A 599 4.02 0.75 22.56
N GLY A 600 3.91 -0.46 22.03
CA GLY A 600 3.40 -0.63 20.69
C GLY A 600 4.03 -1.83 20.01
N TYR A 601 3.83 -1.96 18.69
CA TYR A 601 4.44 -3.04 17.93
C TYR A 601 5.64 -2.46 17.21
N PHE A 602 6.76 -3.15 17.26
CA PHE A 602 7.99 -2.66 16.66
C PHE A 602 8.72 -3.77 15.92
N TRP A 603 9.73 -3.38 15.15
CA TRP A 603 10.60 -4.30 14.43
C TRP A 603 11.79 -3.49 13.91
N ARG A 604 12.92 -4.15 13.66
CA ARG A 604 14.11 -3.46 13.16
C ARG A 604 13.82 -2.82 11.80
N ASP A 605 14.09 -1.53 11.67
CA ASP A 605 13.90 -0.85 10.40
C ASP A 605 14.78 -1.68 9.43
N PRO A 606 14.16 -2.35 8.43
CA PRO A 606 14.92 -3.16 7.47
C PRO A 606 15.93 -2.40 6.63
N VAL A 607 15.63 -1.15 6.35
CA VAL A 607 16.53 -0.33 5.56
C VAL A 607 17.79 0.02 6.33
N GLU A 608 17.63 0.41 7.60
CA GLU A 608 18.78 0.78 8.41
C GLU A 608 19.67 -0.44 8.72
N LEU A 609 19.12 -1.64 8.56
CA LEU A 609 19.88 -2.87 8.78
C LEU A 609 20.90 -3.03 7.66
N GLU A 610 20.44 -2.78 6.43
CA GLU A 610 21.24 -2.90 5.21
C GLU A 610 22.31 -1.83 5.02
N ARG A 611 22.24 -0.73 5.76
CA ARG A 611 23.23 0.34 5.63
C ARG A 611 24.63 -0.01 6.12
N VAL A 612 25.56 0.93 5.94
CA VAL A 612 26.96 0.78 6.32
C VAL A 612 27.16 0.81 7.84
N LEU A 619 21.31 0.02 16.59
CA LEU A 619 20.19 -0.91 16.56
C LEU A 619 18.93 -0.05 16.48
N VAL A 620 18.34 0.00 15.28
CA VAL A 620 17.18 0.82 15.03
C VAL A 620 15.86 0.08 14.91
N PHE A 621 14.91 0.40 15.79
CA PHE A 621 13.59 -0.21 15.75
C PHE A 621 12.60 0.82 15.29
N GLY A 622 11.72 0.45 14.38
CA GLY A 622 10.70 1.38 13.98
C GLY A 622 9.41 0.86 14.61
N ARG A 623 8.54 1.78 15.02
CA ARG A 623 7.26 1.41 15.60
C ARG A 623 6.30 1.17 14.42
N ILE A 624 5.77 -0.04 14.33
CA ILE A 624 4.84 -0.38 13.26
C ILE A 624 3.49 0.28 13.52
N ILE A 625 3.03 0.22 14.75
CA ILE A 625 1.77 0.84 15.10
C ILE A 625 1.57 0.80 16.61
N THR A 626 0.81 1.76 17.12
CA THR A 626 0.53 1.88 18.54
C THR A 626 -0.36 0.74 19.00
N LEU A 627 -0.40 0.47 20.29
CA LEU A 627 -1.24 -0.60 20.81
C LEU A 627 -2.73 -0.36 20.62
N LYS A 628 -3.15 0.91 20.60
CA LYS A 628 -4.56 1.27 20.43
C LYS A 628 -4.76 2.59 19.67
N ASP A 629 -5.91 2.73 19.02
CA ASP A 629 -6.23 3.93 18.24
C ASP A 629 -6.06 5.18 19.12
N THR A 630 -5.41 6.21 18.57
CA THR A 630 -5.19 7.46 19.31
C THR A 630 -5.87 8.68 18.66
N TRP A 631 -6.84 8.42 17.77
CA TRP A 631 -7.53 9.52 17.09
C TRP A 631 -9.05 9.50 17.32
#